data_7YKG
#
_entry.id   7YKG
#
_cell.length_a   67.894
_cell.length_b   79.700
_cell.length_c   93.049
_cell.angle_alpha   90.000
_cell.angle_beta   90.000
_cell.angle_gamma   90.000
#
_symmetry.space_group_name_H-M   'P 21 21 21'
#
loop_
_entity.id
_entity.type
_entity.pdbx_description
1 polymer 'Membrane-associated guanylate kinase, WW and PDZ domain-containing protein 2'
2 polymer SGEF
3 water water
#
loop_
_entity_poly.entity_id
_entity_poly.type
_entity_poly.pdbx_seq_one_letter_code
_entity_poly.pdbx_strand_id
1 'polypeptide(L)'
;GPGSSHWTSKVHESVIGRNPEGQLGFELKGGAENGQFPYLGEVKPGKVAYESGSKLVSEELLLEVNETPVAGLTIRDVLA
VIKHCKDPLRLKCVKQGGIVDKDLRHYLNLRFQKGSVDHELQQIIRDNLYLRTVPCTTRPHKEGEVPGVDYIFITVEEFM
ELEKSGALLESGTYEDNYYGTPKPPAEPAPLLNVTDQILPGATPSAEGKRKRNKSVTNMEKASIEPPEEEEEER
;
A,C
2 'polypeptide(L)' GLRST(SEP)YRRAVV B,D
#
# COMPACT_ATOMS: atom_id res chain seq x y z
N SER A 5 9.14 -25.66 -21.94
CA SER A 5 10.41 -25.72 -21.20
C SER A 5 10.93 -24.32 -20.85
N HIS A 6 10.87 -23.39 -21.79
CA HIS A 6 11.36 -22.04 -21.55
C HIS A 6 10.39 -21.27 -20.67
N TRP A 7 10.96 -20.33 -19.91
CA TRP A 7 10.14 -19.41 -19.15
C TRP A 7 9.28 -18.55 -20.06
N THR A 8 9.81 -18.16 -21.22
CA THR A 8 9.10 -17.29 -22.14
C THR A 8 8.19 -18.04 -23.12
N SER A 9 8.02 -19.36 -22.98
CA SER A 9 7.31 -20.11 -24.02
C SER A 9 5.84 -19.69 -24.14
N LYS A 10 5.19 -19.30 -23.04
CA LYS A 10 3.79 -18.91 -23.13
C LYS A 10 3.60 -17.40 -23.28
N VAL A 11 4.67 -16.64 -23.56
CA VAL A 11 4.56 -15.19 -23.74
C VAL A 11 3.71 -14.90 -24.97
N HIS A 12 2.88 -13.86 -24.88
CA HIS A 12 2.04 -13.49 -26.00
C HIS A 12 1.70 -12.01 -25.89
N GLU A 13 1.21 -11.47 -26.99
CA GLU A 13 0.83 -10.07 -27.08
C GLU A 13 -0.69 -9.95 -27.17
N SER A 14 -1.26 -9.16 -26.27
CA SER A 14 -2.69 -8.87 -26.22
C SER A 14 -2.84 -7.37 -26.38
N VAL A 15 -3.71 -6.93 -27.29
CA VAL A 15 -3.87 -5.52 -27.62
C VAL A 15 -5.23 -5.05 -27.12
N ILE A 16 -5.24 -4.00 -26.29
CA ILE A 16 -6.48 -3.53 -25.70
C ILE A 16 -6.63 -2.03 -25.91
N GLY A 17 -7.84 -1.53 -25.62
CA GLY A 17 -8.09 -0.11 -25.55
C GLY A 17 -8.61 0.25 -24.16
N ARG A 18 -8.53 1.52 -23.80
CA ARG A 18 -8.99 1.95 -22.49
C ARG A 18 -10.50 2.17 -22.51
N ASN A 19 -11.13 1.95 -21.36
CA ASN A 19 -12.59 2.05 -21.25
C ASN A 19 -12.99 3.52 -21.20
N PRO A 20 -14.29 3.84 -21.33
CA PRO A 20 -14.70 5.26 -21.29
C PRO A 20 -14.12 6.05 -20.13
N GLU A 21 -14.03 5.40 -18.97
CA GLU A 21 -13.52 6.03 -17.76
C GLU A 21 -12.02 6.31 -17.86
N GLY A 22 -11.32 5.62 -18.76
CA GLY A 22 -9.87 5.69 -18.87
C GLY A 22 -9.12 4.56 -18.18
N GLN A 23 -9.81 3.52 -17.73
CA GLN A 23 -9.20 2.38 -17.07
C GLN A 23 -9.00 1.22 -18.05
N LEU A 24 -8.27 0.20 -17.59
CA LEU A 24 -7.93 -0.94 -18.44
C LEU A 24 -8.98 -2.03 -18.46
N GLY A 25 -9.87 -2.09 -17.47
CA GLY A 25 -10.78 -3.21 -17.35
C GLY A 25 -10.37 -4.23 -16.33
N PHE A 26 -9.15 -4.12 -15.81
CA PHE A 26 -8.66 -5.00 -14.76
C PHE A 26 -7.72 -4.18 -13.89
N GLU A 27 -7.40 -4.72 -12.72
CA GLU A 27 -6.46 -4.01 -11.86
C GLU A 27 -5.05 -4.53 -12.10
N LEU A 28 -4.07 -3.68 -11.77
CA LEU A 28 -2.67 -4.10 -11.74
C LEU A 28 -2.25 -4.36 -10.31
N LYS A 29 -1.59 -5.49 -10.11
CA LYS A 29 -1.09 -5.91 -8.82
C LYS A 29 0.41 -6.18 -8.92
N GLY A 30 1.06 -6.37 -7.78
CA GLY A 30 2.46 -6.73 -7.74
C GLY A 30 3.36 -5.52 -7.77
N GLY A 31 4.37 -5.56 -8.65
CA GLY A 31 5.37 -4.50 -8.71
C GLY A 31 6.52 -4.77 -7.77
N ALA A 32 7.70 -4.24 -8.13
CA ALA A 32 8.93 -4.59 -7.42
C ALA A 32 8.90 -4.14 -5.96
N GLU A 33 8.16 -3.07 -5.64
CA GLU A 33 8.14 -2.65 -4.23
C GLU A 33 7.55 -3.73 -3.34
N ASN A 34 6.77 -4.65 -3.91
CA ASN A 34 6.24 -5.81 -3.22
C ASN A 34 7.00 -7.08 -3.60
N GLY A 35 8.18 -6.94 -4.19
CA GLY A 35 8.99 -8.07 -4.62
C GLY A 35 8.37 -8.89 -5.73
N GLN A 36 7.58 -8.27 -6.61
CA GLN A 36 6.85 -9.09 -7.57
C GLN A 36 6.89 -8.47 -8.97
N PHE A 37 6.64 -9.33 -9.95
CA PHE A 37 6.22 -8.82 -11.25
C PHE A 37 5.01 -7.93 -11.06
N PRO A 38 4.78 -6.98 -11.96
CA PRO A 38 3.42 -6.45 -12.12
C PRO A 38 2.57 -7.53 -12.75
N TYR A 39 1.36 -7.70 -12.23
CA TYR A 39 0.51 -8.72 -12.80
C TYR A 39 -0.94 -8.26 -12.70
N LEU A 40 -1.79 -8.87 -13.51
CA LEU A 40 -3.15 -8.42 -13.61
C LEU A 40 -3.98 -8.94 -12.44
N GLY A 41 -5.01 -8.18 -12.07
CA GLY A 41 -6.00 -8.72 -11.15
C GLY A 41 -6.86 -9.75 -11.86
N GLU A 42 -8.09 -9.92 -11.39
CA GLU A 42 -9.04 -10.78 -12.07
C GLU A 42 -9.48 -10.13 -13.39
N VAL A 43 -9.45 -10.91 -14.45
CA VAL A 43 -9.88 -10.47 -15.78
C VAL A 43 -11.26 -11.05 -16.01
N LYS A 44 -12.28 -10.22 -15.82
CA LYS A 44 -13.66 -10.63 -16.06
C LYS A 44 -13.99 -10.48 -17.53
N PRO A 45 -14.48 -11.54 -18.17
CA PRO A 45 -14.85 -11.45 -19.59
C PRO A 45 -15.94 -10.40 -19.78
N GLY A 46 -15.69 -9.51 -20.75
CA GLY A 46 -16.60 -8.45 -21.09
C GLY A 46 -16.08 -7.07 -20.68
N LYS A 47 -15.18 -7.02 -19.69
CA LYS A 47 -14.70 -5.75 -19.17
C LYS A 47 -13.53 -5.18 -19.94
N VAL A 48 -12.83 -6.01 -20.71
CA VAL A 48 -11.66 -5.57 -21.44
C VAL A 48 -12.05 -5.30 -22.89
N ALA A 49 -11.71 -4.10 -23.38
CA ALA A 49 -11.98 -3.71 -24.77
C ALA A 49 -10.81 -4.18 -25.63
N TYR A 50 -10.88 -5.44 -26.09
CA TYR A 50 -9.82 -6.02 -26.90
C TYR A 50 -9.91 -5.52 -28.33
N GLU A 51 -8.76 -5.31 -28.95
CA GLU A 51 -8.77 -4.91 -30.35
C GLU A 51 -8.60 -6.12 -31.27
N SER A 52 -7.45 -6.77 -31.22
CA SER A 52 -7.27 -7.95 -32.06
C SER A 52 -6.03 -8.71 -31.63
N GLY A 53 -6.13 -10.04 -31.62
CA GLY A 53 -5.07 -10.86 -31.06
C GLY A 53 -5.57 -11.71 -29.92
N SER A 54 -4.63 -12.19 -29.11
CA SER A 54 -4.93 -13.09 -28.03
C SER A 54 -5.55 -12.33 -26.85
N LYS A 55 -6.23 -13.07 -25.98
CA LYS A 55 -6.94 -12.54 -24.81
C LYS A 55 -6.14 -12.89 -23.56
N LEU A 56 -6.60 -12.45 -22.38
CA LEU A 56 -5.84 -12.56 -21.14
C LEU A 56 -6.59 -13.36 -20.09
N VAL A 57 -5.87 -14.26 -19.39
CA VAL A 57 -6.44 -14.90 -18.21
C VAL A 57 -6.12 -14.05 -16.99
N SER A 58 -6.81 -14.31 -15.90
CA SER A 58 -6.52 -13.60 -14.66
C SER A 58 -5.07 -13.80 -14.26
N GLU A 59 -4.46 -12.74 -13.74
CA GLU A 59 -3.17 -12.78 -13.04
C GLU A 59 -1.98 -13.09 -13.94
N GLU A 60 -2.07 -12.88 -15.25
CA GLU A 60 -0.88 -12.95 -16.10
C GLU A 60 0.16 -11.91 -15.67
N LEU A 61 1.44 -12.27 -15.76
CA LEU A 61 2.51 -11.31 -15.58
C LEU A 61 2.55 -10.32 -16.75
N LEU A 62 2.77 -9.05 -16.44
CA LEU A 62 2.85 -8.00 -17.45
C LEU A 62 4.32 -7.70 -17.70
N LEU A 63 4.77 -7.90 -18.93
CA LEU A 63 6.19 -7.79 -19.24
C LEU A 63 6.53 -6.52 -20.00
N GLU A 64 5.71 -6.13 -20.99
CA GLU A 64 5.98 -4.94 -21.77
C GLU A 64 4.66 -4.25 -22.09
N VAL A 65 4.72 -2.93 -22.22
CA VAL A 65 3.61 -2.12 -22.67
C VAL A 65 4.10 -1.27 -23.84
N ASN A 66 3.51 -1.48 -25.02
CA ASN A 66 3.88 -0.77 -26.24
C ASN A 66 5.41 -0.74 -26.36
N GLU A 67 5.99 -1.91 -26.17
CA GLU A 67 7.41 -2.21 -26.33
C GLU A 67 8.29 -1.59 -25.25
N THR A 68 7.72 -0.98 -24.23
CA THR A 68 8.51 -0.55 -23.07
C THR A 68 8.45 -1.66 -22.02
N PRO A 69 9.56 -2.32 -21.72
CA PRO A 69 9.52 -3.33 -20.66
C PRO A 69 9.19 -2.69 -19.32
N VAL A 70 8.27 -3.34 -18.59
CA VAL A 70 7.82 -2.84 -17.30
C VAL A 70 8.05 -3.84 -16.18
N ALA A 71 8.36 -5.11 -16.50
CA ALA A 71 8.71 -6.08 -15.47
C ALA A 71 10.03 -5.67 -14.78
N GLY A 72 10.04 -5.69 -13.45
CA GLY A 72 11.12 -5.15 -12.69
C GLY A 72 10.86 -3.76 -12.13
N LEU A 73 9.83 -3.05 -12.60
CA LEU A 73 9.47 -1.74 -12.08
C LEU A 73 8.46 -1.85 -10.94
N THR A 74 8.27 -0.75 -10.22
CA THR A 74 7.21 -0.60 -9.24
C THR A 74 5.88 -0.39 -9.95
N ILE A 75 4.78 -0.54 -9.20
CA ILE A 75 3.47 -0.34 -9.82
C ILE A 75 3.28 1.11 -10.26
N ARG A 76 3.67 2.06 -9.40
CA ARG A 76 3.68 3.47 -9.76
C ARG A 76 4.36 3.70 -11.12
N ASP A 77 5.57 3.15 -11.30
CA ASP A 77 6.28 3.36 -12.56
C ASP A 77 5.60 2.65 -13.73
N VAL A 78 5.02 1.47 -13.49
CA VAL A 78 4.30 0.78 -14.55
C VAL A 78 3.11 1.61 -15.00
N LEU A 79 2.34 2.12 -14.04
CA LEU A 79 1.19 2.96 -14.37
C LEU A 79 1.62 4.24 -15.08
N ALA A 80 2.79 4.79 -14.72
CA ALA A 80 3.27 5.98 -15.41
C ALA A 80 3.60 5.67 -16.88
N VAL A 81 4.18 4.50 -17.15
CA VAL A 81 4.41 4.10 -18.54
C VAL A 81 3.09 4.04 -19.30
N ILE A 82 2.08 3.43 -18.70
CA ILE A 82 0.77 3.32 -19.34
C ILE A 82 0.17 4.71 -19.57
N LYS A 83 0.35 5.62 -18.60
CA LYS A 83 -0.21 6.96 -18.73
C LYS A 83 0.29 7.65 -20.00
N HIS A 84 1.56 7.44 -20.36
CA HIS A 84 2.19 8.09 -21.50
C HIS A 84 2.11 7.28 -22.78
N CYS A 85 1.54 6.09 -22.74
CA CYS A 85 1.31 5.31 -23.93
C CYS A 85 -0.07 5.65 -24.49
N LYS A 86 -0.18 5.63 -25.81
CA LYS A 86 -1.42 5.92 -26.51
C LYS A 86 -2.10 4.61 -26.89
N ASP A 87 -3.44 4.58 -26.78
CA ASP A 87 -4.19 3.46 -27.28
C ASP A 87 -3.88 3.27 -28.77
N PRO A 88 -3.78 2.04 -29.25
CA PRO A 88 -3.96 0.80 -28.48
C PRO A 88 -2.72 0.39 -27.69
N LEU A 89 -2.97 -0.26 -26.56
CA LEU A 89 -1.91 -0.74 -25.68
C LEU A 89 -1.60 -2.18 -26.05
N ARG A 90 -0.41 -2.42 -26.60
CA ARG A 90 0.10 -3.77 -26.86
C ARG A 90 0.77 -4.26 -25.57
N LEU A 91 0.22 -5.28 -24.96
CA LEU A 91 0.73 -5.82 -23.71
C LEU A 91 1.39 -7.17 -23.97
N LYS A 92 2.64 -7.32 -23.53
CA LYS A 92 3.28 -8.62 -23.54
C LYS A 92 3.04 -9.27 -22.18
N CYS A 93 2.40 -10.43 -22.17
CA CYS A 93 2.09 -11.11 -20.93
C CYS A 93 2.41 -12.60 -21.04
N VAL A 94 2.47 -13.25 -19.89
CA VAL A 94 2.63 -14.69 -19.81
C VAL A 94 1.82 -15.15 -18.60
N LYS A 95 1.05 -16.21 -18.78
CA LYS A 95 0.24 -16.67 -17.67
C LYS A 95 1.12 -17.33 -16.61
N GLN A 96 0.72 -17.17 -15.36
CA GLN A 96 1.41 -17.82 -14.25
C GLN A 96 1.04 -19.30 -14.20
N GLY A 97 2.00 -20.11 -13.80
CA GLY A 97 1.88 -21.55 -13.68
C GLY A 97 3.20 -22.22 -14.03
N GLY A 98 3.45 -23.36 -13.40
CA GLY A 98 4.70 -24.07 -13.65
C GLY A 98 5.89 -23.26 -13.18
N ILE A 99 6.87 -23.03 -14.05
CA ILE A 99 8.04 -22.25 -13.64
C ILE A 99 7.78 -20.76 -13.62
N VAL A 100 6.67 -20.29 -14.20
CA VAL A 100 6.37 -18.88 -14.28
C VAL A 100 5.57 -18.46 -13.05
N ASP A 101 6.13 -17.53 -12.28
CA ASP A 101 5.51 -17.04 -11.05
C ASP A 101 5.81 -15.55 -10.85
N LYS A 102 4.92 -14.88 -10.11
CA LYS A 102 5.06 -13.45 -9.88
C LYS A 102 6.23 -13.09 -8.95
N ASP A 103 6.77 -14.05 -8.21
CA ASP A 103 7.79 -13.74 -7.21
C ASP A 103 9.11 -13.34 -7.87
N LEU A 104 9.56 -12.10 -7.64
CA LEU A 104 10.73 -11.60 -8.34
C LEU A 104 12.03 -12.22 -7.82
N ARG A 105 12.10 -12.49 -6.51
CA ARG A 105 13.29 -13.10 -5.95
C ARG A 105 13.49 -14.51 -6.48
N HIS A 106 12.43 -15.31 -6.50
CA HIS A 106 12.55 -16.63 -7.09
C HIS A 106 12.97 -16.53 -8.56
N TYR A 107 12.42 -15.56 -9.29
CA TYR A 107 12.73 -15.40 -10.71
C TYR A 107 14.18 -14.98 -10.92
N LEU A 108 14.67 -14.03 -10.11
CA LEU A 108 16.04 -13.57 -10.30
C LEU A 108 17.05 -14.62 -9.88
N ASN A 109 16.64 -15.63 -9.13
CA ASN A 109 17.54 -16.73 -8.80
C ASN A 109 17.58 -17.80 -9.87
N LEU A 110 16.67 -17.78 -10.84
CA LEU A 110 16.74 -18.75 -11.94
C LEU A 110 17.97 -18.46 -12.80
N ARG A 111 18.63 -19.52 -13.24
CA ARG A 111 19.79 -19.41 -14.11
C ARG A 111 19.37 -19.89 -15.49
N PHE A 112 19.37 -18.99 -16.44
CA PHE A 112 19.07 -19.30 -17.83
C PHE A 112 20.36 -19.36 -18.64
N GLN A 113 20.33 -20.12 -19.74
CA GLN A 113 21.50 -20.19 -20.58
C GLN A 113 21.80 -18.83 -21.20
N LYS A 114 23.06 -18.41 -21.13
CA LYS A 114 23.45 -17.10 -21.65
C LYS A 114 23.13 -16.99 -23.13
N GLY A 115 22.54 -15.85 -23.53
CA GLY A 115 22.14 -15.67 -24.90
C GLY A 115 20.76 -16.18 -25.25
N SER A 116 20.14 -16.98 -24.39
CA SER A 116 18.79 -17.46 -24.64
C SER A 116 17.78 -16.33 -24.47
N VAL A 117 16.60 -16.51 -25.06
CA VAL A 117 15.53 -15.53 -24.90
C VAL A 117 15.18 -15.38 -23.43
N ASP A 118 15.15 -16.49 -22.68
CA ASP A 118 14.88 -16.39 -21.25
C ASP A 118 15.92 -15.52 -20.57
N HIS A 119 17.19 -15.68 -20.97
CA HIS A 119 18.27 -14.92 -20.34
C HIS A 119 18.17 -13.44 -20.66
N GLU A 120 17.99 -13.09 -21.94
CA GLU A 120 17.86 -11.69 -22.34
C GLU A 120 16.77 -10.98 -21.53
N LEU A 121 15.60 -11.61 -21.44
CA LEU A 121 14.50 -11.02 -20.67
C LEU A 121 14.90 -10.83 -19.20
N GLN A 122 15.53 -11.83 -18.60
CA GLN A 122 15.92 -11.72 -17.20
C GLN A 122 16.81 -10.51 -17.00
N GLN A 123 17.74 -10.27 -17.93
CA GLN A 123 18.65 -9.13 -17.79
C GLN A 123 17.93 -7.80 -18.00
N ILE A 124 16.95 -7.75 -18.93
CA ILE A 124 16.13 -6.54 -19.05
C ILE A 124 15.38 -6.28 -17.74
N ILE A 125 14.85 -7.33 -17.13
CA ILE A 125 14.09 -7.14 -15.90
C ILE A 125 15.01 -6.62 -14.80
N ARG A 126 16.26 -7.12 -14.77
CA ARG A 126 17.26 -6.67 -13.80
C ARG A 126 17.60 -5.20 -13.99
N ASP A 127 17.81 -4.77 -15.24
CA ASP A 127 18.03 -3.35 -15.52
C ASP A 127 16.89 -2.48 -15.01
N ASN A 128 15.64 -2.92 -15.20
CA ASN A 128 14.51 -2.15 -14.69
C ASN A 128 14.57 -2.06 -13.16
N LEU A 129 14.85 -3.20 -12.52
CA LEU A 129 14.95 -3.21 -11.06
C LEU A 129 16.05 -2.27 -10.58
N TYR A 130 17.17 -2.24 -11.30
CA TYR A 130 18.30 -1.38 -10.93
C TYR A 130 17.97 0.11 -11.09
N LEU A 131 16.94 0.47 -11.87
CA LEU A 131 16.64 1.88 -12.08
C LEU A 131 16.24 2.57 -10.78
N ARG A 132 15.52 1.86 -9.90
CA ARG A 132 15.03 2.50 -8.68
C ARG A 132 15.60 1.86 -7.40
N THR A 133 16.73 1.16 -7.48
CA THR A 133 17.34 0.58 -6.29
C THR A 133 18.82 0.94 -6.21
N VAL A 134 19.29 1.13 -4.99
CA VAL A 134 20.71 1.26 -4.69
C VAL A 134 21.16 -0.06 -4.08
N PRO A 135 22.24 -0.68 -4.57
CA PRO A 135 22.64 -1.97 -3.98
C PRO A 135 23.15 -1.75 -2.56
N CYS A 136 23.04 -2.79 -1.75
CA CYS A 136 23.69 -2.81 -0.45
C CYS A 136 24.90 -3.74 -0.51
N THR A 137 25.91 -3.41 0.30
CA THR A 137 27.12 -4.22 0.32
C THR A 137 27.70 -4.20 1.72
N THR A 138 28.44 -5.25 2.07
CA THR A 138 29.16 -5.30 3.33
C THR A 138 30.62 -4.87 3.22
N ARG A 139 31.14 -4.67 2.01
CA ARG A 139 32.49 -4.14 1.88
C ARG A 139 32.49 -2.68 2.29
N PRO A 140 33.63 -2.16 2.72
CA PRO A 140 33.69 -0.77 3.20
C PRO A 140 33.61 0.25 2.07
N HIS A 141 33.17 1.43 2.45
CA HIS A 141 33.08 2.58 1.56
C HIS A 141 34.45 2.90 0.98
N LYS A 142 34.45 3.35 -0.26
CA LYS A 142 35.67 3.77 -0.94
C LYS A 142 35.58 5.24 -1.31
N GLU A 143 36.75 5.82 -1.48
CA GLU A 143 36.92 7.16 -2.02
C GLU A 143 36.05 7.36 -3.25
N GLY A 144 35.30 8.45 -3.26
CA GLY A 144 34.48 8.77 -4.41
C GLY A 144 33.07 8.23 -4.35
N GLU A 145 32.78 7.35 -3.41
CA GLU A 145 31.46 6.73 -3.34
C GLU A 145 30.54 7.55 -2.44
N VAL A 146 29.29 7.65 -2.85
CA VAL A 146 28.26 8.37 -2.09
C VAL A 146 27.38 7.34 -1.40
N PRO A 147 27.47 7.19 -0.08
CA PRO A 147 26.59 6.26 0.61
C PRO A 147 25.14 6.62 0.36
N GLY A 148 24.32 5.60 0.08
CA GLY A 148 22.93 5.80 -0.27
C GLY A 148 22.68 6.12 -1.73
N VAL A 149 23.72 6.20 -2.54
CA VAL A 149 23.56 6.48 -3.96
C VAL A 149 24.31 5.39 -4.71
N ASP A 150 25.60 5.23 -4.42
CA ASP A 150 26.36 4.13 -4.99
C ASP A 150 26.07 2.82 -4.26
N TYR A 151 25.98 2.88 -2.94
CA TYR A 151 25.77 1.70 -2.14
C TYR A 151 25.10 2.12 -0.85
N ILE A 152 24.37 1.18 -0.27
CA ILE A 152 24.07 1.19 1.16
C ILE A 152 25.12 0.32 1.83
N PHE A 153 25.97 0.91 2.67
CA PHE A 153 27.05 0.19 3.32
C PHE A 153 26.54 -0.32 4.67
N ILE A 154 26.41 -1.64 4.79
CA ILE A 154 25.86 -2.26 5.98
C ILE A 154 26.80 -3.36 6.46
N THR A 155 26.58 -3.81 7.69
CA THR A 155 27.38 -4.88 8.22
C THR A 155 26.90 -6.22 7.69
N VAL A 156 27.73 -7.25 7.87
CA VAL A 156 27.30 -8.61 7.52
C VAL A 156 26.07 -9.00 8.34
N GLU A 157 26.07 -8.70 9.64
CA GLU A 157 24.91 -8.99 10.47
C GLU A 157 23.64 -8.35 9.92
N GLU A 158 23.70 -7.06 9.52
CA GLU A 158 22.53 -6.42 8.93
C GLU A 158 22.14 -7.09 7.60
N PHE A 159 23.14 -7.44 6.79
CA PHE A 159 22.86 -8.05 5.49
C PHE A 159 22.08 -9.34 5.65
N MET A 160 22.51 -10.19 6.57
CA MET A 160 21.86 -11.47 6.83
C MET A 160 20.46 -11.28 7.39
N GLU A 161 20.24 -10.23 8.18
CA GLU A 161 18.90 -9.92 8.65
C GLU A 161 17.98 -9.54 7.50
N LEU A 162 18.49 -8.75 6.55
CA LEU A 162 17.70 -8.43 5.36
C LEU A 162 17.45 -9.68 4.53
N GLU A 163 18.43 -10.57 4.44
CA GLU A 163 18.20 -11.81 3.70
C GLU A 163 17.11 -12.62 4.36
N LYS A 164 17.22 -12.81 5.68
CA LYS A 164 16.30 -13.69 6.39
C LYS A 164 14.86 -13.19 6.31
N SER A 165 14.67 -11.87 6.30
CA SER A 165 13.35 -11.27 6.26
C SER A 165 12.83 -11.10 4.84
N GLY A 166 13.54 -11.60 3.82
CA GLY A 166 13.10 -11.49 2.45
C GLY A 166 13.16 -10.12 1.83
N ALA A 167 13.91 -9.18 2.43
CA ALA A 167 14.00 -7.83 1.88
C ALA A 167 14.87 -7.74 0.63
N LEU A 168 15.71 -8.73 0.34
CA LEU A 168 16.62 -8.66 -0.78
C LEU A 168 16.05 -9.45 -1.94
N LEU A 169 16.08 -8.84 -3.12
CA LEU A 169 15.55 -9.51 -4.31
C LEU A 169 16.59 -10.39 -4.99
N GLU A 170 17.87 -10.05 -4.85
CA GLU A 170 18.96 -10.84 -5.38
C GLU A 170 20.15 -10.56 -4.50
N SER A 171 21.06 -11.54 -4.40
CA SER A 171 22.29 -11.32 -3.67
C SER A 171 23.39 -12.18 -4.28
N GLY A 172 24.62 -11.82 -3.95
CA GLY A 172 25.78 -12.58 -4.41
C GLY A 172 26.99 -12.21 -3.58
N THR A 173 28.11 -12.87 -3.88
CA THR A 173 29.35 -12.60 -3.18
C THR A 173 30.49 -12.39 -4.16
N TYR A 174 31.48 -11.63 -3.70
CA TYR A 174 32.61 -11.26 -4.55
C TYR A 174 33.71 -10.74 -3.65
N GLU A 175 34.88 -11.35 -3.71
CA GLU A 175 36.05 -10.92 -2.95
C GLU A 175 35.70 -10.63 -1.49
N ASP A 176 35.22 -11.66 -0.82
CA ASP A 176 35.05 -11.69 0.63
C ASP A 176 33.90 -10.80 1.12
N ASN A 177 33.05 -10.32 0.22
CA ASN A 177 31.92 -9.50 0.63
C ASN A 177 30.64 -9.94 -0.05
N TYR A 178 29.52 -9.56 0.59
CA TYR A 178 28.18 -9.82 0.11
C TYR A 178 27.62 -8.58 -0.60
N TYR A 179 26.94 -8.81 -1.72
CA TYR A 179 26.33 -7.75 -2.52
C TYR A 179 24.88 -8.16 -2.75
N GLY A 180 23.97 -7.19 -2.76
CA GLY A 180 22.55 -7.51 -2.90
C GLY A 180 21.73 -6.30 -3.31
N THR A 181 20.45 -6.56 -3.64
CA THR A 181 19.51 -5.52 -4.06
C THR A 181 18.22 -5.64 -3.25
N PRO A 182 17.86 -4.66 -2.45
CA PRO A 182 16.58 -4.72 -1.73
C PRO A 182 15.44 -4.20 -2.61
N LYS A 183 14.23 -4.47 -2.15
CA LYS A 183 13.04 -3.97 -2.84
C LYS A 183 13.12 -2.44 -2.92
N PRO A 184 12.69 -1.85 -4.03
CA PRO A 184 12.58 -0.38 -4.08
C PRO A 184 11.43 0.07 -3.19
N PRO A 185 11.43 1.32 -2.75
CA PRO A 185 10.31 1.81 -1.92
C PRO A 185 9.04 1.98 -2.73
N ALA A 186 7.90 1.87 -2.04
CA ALA A 186 6.61 1.88 -2.74
C ALA A 186 6.39 3.20 -3.48
N GLU A 187 6.41 4.31 -2.75
CA GLU A 187 6.28 5.61 -3.38
C GLU A 187 7.58 6.39 -3.25
N PRO A 188 8.14 6.89 -4.36
CA PRO A 188 9.37 7.67 -4.28
C PRO A 188 9.12 9.09 -3.75
N ALA A 189 10.22 9.72 -3.35
CA ALA A 189 10.16 11.11 -2.91
C ALA A 189 9.73 11.99 -4.09
N PRO A 190 8.76 12.88 -3.89
CA PRO A 190 8.32 13.76 -4.99
C PRO A 190 9.49 14.53 -5.62
N LEU A 191 9.48 14.59 -6.96
CA LEU A 191 10.55 15.25 -7.70
C LEU A 191 10.28 16.73 -7.97
N LEU A 192 9.01 17.14 -8.01
CA LEU A 192 8.68 18.55 -8.21
C LEU A 192 7.90 19.11 -7.02
N GLY B 1 20.80 2.76 -9.35
CA GLY B 1 21.56 3.21 -10.52
C GLY B 1 22.32 2.04 -11.11
N LEU B 2 23.14 2.32 -12.12
CA LEU B 2 23.84 1.25 -12.81
C LEU B 2 24.77 0.52 -11.85
N ARG B 3 24.79 -0.80 -11.97
CA ARG B 3 25.59 -1.61 -11.08
C ARG B 3 27.04 -1.65 -11.57
N SER B 4 27.96 -1.76 -10.63
CA SER B 4 29.37 -1.81 -10.97
C SER B 4 29.78 -3.21 -11.43
N THR B 5 31.00 -3.31 -11.93
CA THR B 5 31.54 -4.59 -12.34
C THR B 5 31.59 -5.58 -11.17
N SEP B 6 32.03 -5.14 -10.00
CA SEP B 6 32.09 -6.06 -8.88
CB SEP B 6 32.71 -5.40 -7.66
OG SEP B 6 31.91 -4.30 -7.31
C SEP B 6 30.68 -6.60 -8.55
O SEP B 6 30.53 -7.81 -8.30
P SEP B 6 32.63 -3.16 -6.46
O1P SEP B 6 32.99 -3.69 -4.97
O2P SEP B 6 31.49 -2.04 -6.40
O3P SEP B 6 33.96 -2.63 -7.18
N TYR B 7 29.68 -5.73 -8.57
CA TYR B 7 28.30 -6.17 -8.32
C TYR B 7 27.85 -7.22 -9.34
N ARG B 8 28.02 -6.91 -10.63
CA ARG B 8 27.61 -7.83 -11.68
C ARG B 8 28.32 -9.16 -11.55
N ARG B 9 29.61 -9.15 -11.16
CA ARG B 9 30.30 -10.41 -10.97
C ARG B 9 29.70 -11.17 -9.80
N ALA B 10 29.29 -10.44 -8.78
CA ALA B 10 28.78 -11.08 -7.57
C ALA B 10 27.44 -11.76 -7.82
N VAL B 11 26.56 -11.13 -8.62
CA VAL B 11 25.21 -11.67 -8.82
C VAL B 11 25.05 -12.32 -10.19
N VAL B 12 26.10 -12.94 -10.71
CA VAL B 12 26.02 -13.56 -12.03
C VAL B 12 25.36 -14.94 -11.96
N SER C 5 -12.55 -13.47 2.22
CA SER C 5 -11.21 -13.59 2.80
C SER C 5 -10.60 -12.23 3.12
N HIS C 6 -10.71 -11.28 2.20
CA HIS C 6 -10.16 -9.94 2.40
C HIS C 6 -11.04 -9.14 3.34
N TRP C 7 -10.41 -8.20 4.04
CA TRP C 7 -11.18 -7.26 4.84
C TRP C 7 -12.09 -6.42 3.96
N THR C 8 -11.58 -5.96 2.81
CA THR C 8 -12.28 -5.06 1.89
C THR C 8 -13.14 -5.77 0.85
N SER C 9 -13.27 -7.11 0.93
CA SER C 9 -13.97 -7.82 -0.12
C SER C 9 -15.44 -7.39 -0.22
N LYS C 10 -16.07 -7.02 0.89
CA LYS C 10 -17.48 -6.67 0.85
C LYS C 10 -17.72 -5.17 0.71
N VAL C 11 -16.68 -4.38 0.44
CA VAL C 11 -16.82 -2.94 0.25
C VAL C 11 -17.65 -2.68 -0.99
N HIS C 12 -18.46 -1.62 -0.95
CA HIS C 12 -19.35 -1.28 -2.06
C HIS C 12 -19.65 0.20 -1.97
N GLU C 13 -20.19 0.75 -3.06
CA GLU C 13 -20.52 2.18 -3.13
C GLU C 13 -22.04 2.32 -3.20
N SER C 14 -22.60 3.08 -2.27
CA SER C 14 -24.03 3.31 -2.24
C SER C 14 -24.24 4.82 -2.37
N VAL C 15 -25.13 5.23 -3.27
CA VAL C 15 -25.29 6.63 -3.62
C VAL C 15 -26.63 7.12 -3.11
N ILE C 16 -26.60 8.17 -2.30
CA ILE C 16 -27.82 8.70 -1.68
C ILE C 16 -27.89 10.20 -1.89
N GLY C 17 -29.07 10.75 -1.63
CA GLY C 17 -29.27 12.19 -1.59
C GLY C 17 -29.82 12.58 -0.24
N ARG C 18 -29.70 13.85 0.14
CA ARG C 18 -30.21 14.25 1.44
C ARG C 18 -31.70 14.51 1.34
N ASN C 19 -32.43 14.18 2.42
CA ASN C 19 -33.88 14.31 2.43
C ASN C 19 -34.26 15.77 2.60
N PRO C 20 -35.54 16.13 2.42
CA PRO C 20 -35.94 17.55 2.55
C PRO C 20 -35.40 18.23 3.80
N GLU C 21 -35.38 17.54 4.94
CA GLU C 21 -34.83 18.14 6.16
C GLU C 21 -33.32 18.36 6.08
N GLY C 22 -32.62 17.67 5.19
CA GLY C 22 -31.18 17.74 5.11
C GLY C 22 -30.43 16.62 5.81
N GLN C 23 -31.11 15.57 6.25
CA GLN C 23 -30.48 14.44 6.90
C GLN C 23 -30.20 13.35 5.87
N LEU C 24 -29.47 12.33 6.32
CA LEU C 24 -29.10 11.22 5.45
C LEU C 24 -30.16 10.15 5.37
N GLY C 25 -31.09 10.12 6.33
CA GLY C 25 -32.03 9.04 6.47
C GLY C 25 -31.65 8.06 7.55
N PHE C 26 -30.44 8.18 8.07
CA PHE C 26 -29.93 7.36 9.15
C PHE C 26 -28.98 8.22 9.97
N GLU C 27 -28.63 7.72 11.15
CA GLU C 27 -27.68 8.42 12.00
C GLU C 27 -26.27 7.87 11.83
N LEU C 28 -25.28 8.69 12.18
CA LEU C 28 -23.90 8.25 12.25
C LEU C 28 -23.50 8.01 13.69
N LYS C 29 -22.91 6.86 13.96
CA LYS C 29 -22.43 6.45 15.27
C LYS C 29 -20.94 6.09 15.16
N GLY C 30 -20.31 5.88 16.31
CA GLY C 30 -18.92 5.44 16.35
C GLY C 30 -17.95 6.62 16.30
N GLY C 31 -16.96 6.55 15.42
CA GLY C 31 -15.97 7.59 15.31
C GLY C 31 -14.78 7.35 16.23
N ALA C 32 -13.65 7.94 15.84
CA ALA C 32 -12.38 7.66 16.50
C ALA C 32 -12.38 8.09 17.96
N GLU C 33 -13.17 9.12 18.32
CA GLU C 33 -13.24 9.53 19.72
C GLU C 33 -13.84 8.44 20.59
N ASN C 34 -14.58 7.51 20.00
CA ASN C 34 -15.05 6.32 20.69
C ASN C 34 -14.25 5.10 20.32
N GLY C 35 -13.08 5.29 19.73
CA GLY C 35 -12.27 4.16 19.32
C GLY C 35 -12.91 3.32 18.26
N GLN C 36 -13.73 3.93 17.39
CA GLN C 36 -14.51 3.16 16.43
C GLN C 36 -14.42 3.78 15.03
N PHE C 37 -14.64 2.92 14.03
CA PHE C 37 -15.04 3.34 12.69
C PHE C 37 -16.29 4.21 12.80
N PRO C 38 -16.54 5.09 11.83
CA PRO C 38 -17.91 5.63 11.65
C PRO C 38 -18.81 4.51 11.14
N TYR C 39 -20.01 4.38 11.72
CA TYR C 39 -20.90 3.36 11.19
C TYR C 39 -22.34 3.81 11.27
N LEU C 40 -23.20 3.16 10.49
CA LEU C 40 -24.58 3.60 10.40
C LEU C 40 -25.37 3.13 11.60
N GLY C 41 -26.41 3.88 11.93
CA GLY C 41 -27.43 3.42 12.85
C GLY C 41 -28.33 2.42 12.14
N GLU C 42 -29.56 2.32 12.62
CA GLU C 42 -30.51 1.46 11.94
C GLU C 42 -30.80 2.04 10.57
N VAL C 43 -30.77 1.18 9.55
CA VAL C 43 -31.17 1.57 8.20
C VAL C 43 -32.56 1.01 7.97
N LYS C 44 -33.53 1.88 8.11
CA LYS C 44 -34.92 1.55 7.81
C LYS C 44 -35.21 1.69 6.32
N PRO C 45 -35.69 0.67 5.64
CA PRO C 45 -36.04 0.86 4.24
C PRO C 45 -37.16 1.89 4.03
N GLY C 46 -36.93 2.80 3.09
CA GLY C 46 -37.90 3.81 2.71
C GLY C 46 -37.50 5.19 3.16
N LYS C 47 -36.64 5.27 4.16
CA LYS C 47 -36.20 6.52 4.75
C LYS C 47 -34.95 7.08 4.09
N VAL C 48 -34.16 6.26 3.37
CA VAL C 48 -32.97 6.73 2.68
C VAL C 48 -33.35 7.01 1.22
N ALA C 49 -33.00 8.20 0.74
CA ALA C 49 -33.29 8.55 -0.66
C ALA C 49 -32.13 8.05 -1.52
N TYR C 50 -32.26 6.81 -1.97
CA TYR C 50 -31.25 6.17 -2.81
C TYR C 50 -31.33 6.61 -4.27
N GLU C 51 -30.16 6.72 -4.89
CA GLU C 51 -30.06 6.73 -6.33
C GLU C 51 -29.63 5.32 -6.76
N SER C 52 -29.91 4.96 -8.01
CA SER C 52 -29.66 3.60 -8.50
C SER C 52 -28.31 3.05 -8.05
N GLY C 53 -28.24 1.75 -7.76
CA GLY C 53 -27.06 1.14 -7.19
C GLY C 53 -27.25 0.37 -5.89
N SER C 54 -26.16 0.09 -5.18
CA SER C 54 -26.30 -0.76 -4.01
C SER C 54 -26.92 0.00 -2.83
N LYS C 55 -27.54 -0.76 -1.94
CA LYS C 55 -28.23 -0.26 -0.77
C LYS C 55 -27.42 -0.60 0.48
N LEU C 56 -27.91 -0.18 1.64
CA LEU C 56 -27.12 -0.26 2.87
C LEU C 56 -27.87 -1.06 3.94
N VAL C 57 -27.16 -1.99 4.60
CA VAL C 57 -27.71 -2.64 5.77
C VAL C 57 -27.35 -1.79 6.98
N SER C 58 -28.08 -2.04 8.07
CA SER C 58 -27.81 -1.36 9.33
C SER C 58 -26.37 -1.61 9.78
N GLU C 59 -25.76 -0.55 10.31
CA GLU C 59 -24.49 -0.59 11.01
C GLU C 59 -23.30 -0.89 10.11
N GLU C 60 -23.44 -0.64 8.81
CA GLU C 60 -22.28 -0.72 7.92
C GLU C 60 -21.21 0.28 8.34
N LEU C 61 -19.97 -0.14 8.23
CA LEU C 61 -18.87 0.78 8.42
C LEU C 61 -18.84 1.76 7.25
N LEU C 62 -18.61 3.03 7.55
CA LEU C 62 -18.49 4.08 6.55
C LEU C 62 -17.00 4.39 6.32
N LEU C 63 -16.55 4.23 5.09
CA LEU C 63 -15.14 4.37 4.75
C LEU C 63 -14.83 5.66 4.00
N GLU C 64 -15.66 6.06 3.03
CA GLU C 64 -15.44 7.28 2.26
C GLU C 64 -16.74 7.99 1.93
N VAL C 65 -16.65 9.30 1.76
CA VAL C 65 -17.75 10.13 1.28
C VAL C 65 -17.20 10.93 0.11
N ASN C 66 -17.78 10.72 -1.08
CA ASN C 66 -17.36 11.44 -2.27
C ASN C 66 -15.83 11.48 -2.40
N GLU C 67 -15.21 10.32 -2.20
CA GLU C 67 -13.78 10.08 -2.36
C GLU C 67 -12.94 10.74 -1.26
N THR C 68 -13.55 11.30 -0.22
CA THR C 68 -12.77 11.69 0.93
C THR C 68 -12.84 10.57 1.97
N PRO C 69 -11.76 9.84 2.23
CA PRO C 69 -11.82 8.78 3.23
C PRO C 69 -12.11 9.40 4.59
N VAL C 70 -13.02 8.79 5.33
CA VAL C 70 -13.41 9.32 6.63
C VAL C 70 -13.23 8.33 7.77
N ALA C 71 -12.97 7.05 7.48
CA ALA C 71 -12.68 6.10 8.55
C ALA C 71 -11.37 6.48 9.25
N GLY C 72 -11.38 6.48 10.58
CA GLY C 72 -10.29 6.99 11.36
C GLY C 72 -10.50 8.38 11.92
N LEU C 73 -11.49 9.13 11.43
CA LEU C 73 -11.81 10.46 11.95
C LEU C 73 -12.84 10.38 13.07
N THR C 74 -13.02 11.52 13.76
CA THR C 74 -14.09 11.65 14.73
C THR C 74 -15.41 11.91 14.01
N ILE C 75 -16.51 11.77 14.75
CA ILE C 75 -17.83 11.99 14.17
C ILE C 75 -17.98 13.44 13.74
N ARG C 76 -17.46 14.36 14.55
CA ARG C 76 -17.37 15.75 14.13
C ARG C 76 -16.80 15.90 12.72
N ASP C 77 -15.63 15.32 12.49
CA ASP C 77 -14.94 15.51 11.21
C ASP C 77 -15.66 14.79 10.07
N VAL C 78 -16.27 13.64 10.33
CA VAL C 78 -17.06 12.96 9.29
C VAL C 78 -18.22 13.86 8.87
N LEU C 79 -18.91 14.42 9.85
CA LEU C 79 -20.04 15.29 9.53
C LEU C 79 -19.57 16.54 8.81
N ALA C 80 -18.41 17.08 9.18
CA ALA C 80 -17.88 18.25 8.49
C ALA C 80 -17.57 17.93 7.03
N VAL C 81 -17.01 16.73 6.77
CA VAL C 81 -16.75 16.31 5.39
C VAL C 81 -18.06 16.23 4.60
N ILE C 82 -19.09 15.62 5.19
CA ILE C 82 -20.37 15.49 4.49
C ILE C 82 -21.02 16.85 4.23
N LYS C 83 -20.96 17.77 5.20
CA LYS C 83 -21.55 19.11 5.02
C LYS C 83 -20.94 19.85 3.83
N HIS C 84 -19.66 19.64 3.57
CA HIS C 84 -19.05 20.32 2.44
C HIS C 84 -19.13 19.50 1.16
N CYS C 85 -19.70 18.31 1.21
CA CYS C 85 -19.90 17.53 0.02
C CYS C 85 -21.27 17.85 -0.57
N LYS C 86 -21.34 17.84 -1.90
CA LYS C 86 -22.59 18.14 -2.59
C LYS C 86 -23.29 16.84 -2.96
N ASP C 87 -24.61 16.84 -2.85
CA ASP C 87 -25.39 15.71 -3.35
C ASP C 87 -25.07 15.53 -4.84
N PRO C 88 -24.98 14.28 -5.33
CA PRO C 88 -25.19 13.05 -4.58
C PRO C 88 -23.98 12.63 -3.73
N LEU C 89 -24.27 11.95 -2.62
CA LEU C 89 -23.25 11.47 -1.70
C LEU C 89 -22.89 10.03 -2.07
N ARG C 90 -21.68 9.83 -2.62
CA ARG C 90 -21.18 8.49 -2.91
C ARG C 90 -20.54 7.95 -1.64
N LEU C 91 -21.12 6.91 -1.06
CA LEU C 91 -20.66 6.36 0.20
C LEU C 91 -19.96 5.02 -0.06
N LYS C 92 -18.71 4.92 0.40
CA LYS C 92 -18.01 3.63 0.42
C LYS C 92 -18.24 3.03 1.80
N CYS C 93 -18.87 1.86 1.82
CA CYS C 93 -19.21 1.23 3.08
C CYS C 93 -18.85 -0.24 2.99
N VAL C 94 -18.81 -0.88 4.15
CA VAL C 94 -18.63 -2.33 4.24
C VAL C 94 -19.46 -2.79 5.43
N LYS C 95 -20.21 -3.88 5.25
CA LYS C 95 -21.05 -4.40 6.32
C LYS C 95 -20.20 -5.09 7.40
N GLN C 96 -20.66 -4.99 8.64
CA GLN C 96 -19.97 -5.67 9.74
C GLN C 96 -20.31 -7.15 9.76
N GLY C 97 -19.34 -7.94 10.18
CA GLY C 97 -19.44 -9.39 10.26
C GLY C 97 -18.08 -9.98 9.97
N GLY C 98 -17.84 -11.15 10.56
CA GLY C 98 -16.58 -11.86 10.35
C GLY C 98 -15.40 -11.02 10.81
N ILE C 99 -14.43 -10.83 9.90
CA ILE C 99 -13.27 -10.04 10.27
C ILE C 99 -13.55 -8.55 10.29
N VAL C 100 -14.68 -8.09 9.75
CA VAL C 100 -14.97 -6.66 9.69
C VAL C 100 -15.74 -6.23 10.94
N ASP C 101 -15.17 -5.29 11.71
CA ASP C 101 -15.82 -4.83 12.92
C ASP C 101 -15.48 -3.36 13.13
N LYS C 102 -16.37 -2.66 13.83
CA LYS C 102 -16.23 -1.23 14.09
C LYS C 102 -15.11 -0.90 15.07
N ASP C 103 -14.56 -1.89 15.79
CA ASP C 103 -13.55 -1.58 16.78
C ASP C 103 -12.22 -1.23 16.12
N LEU C 104 -11.79 0.01 16.35
CA LEU C 104 -10.62 0.54 15.67
C LEU C 104 -9.34 -0.04 16.26
N ARG C 105 -9.32 -0.29 17.57
CA ARG C 105 -8.13 -0.88 18.18
C ARG C 105 -7.86 -2.26 17.59
N HIS C 106 -8.89 -3.09 17.50
CA HIS C 106 -8.75 -4.40 16.90
C HIS C 106 -8.33 -4.29 15.44
N TYR C 107 -8.89 -3.32 14.72
CA TYR C 107 -8.57 -3.19 13.30
C TYR C 107 -7.12 -2.79 13.10
N LEU C 108 -6.61 -1.89 13.93
CA LEU C 108 -5.23 -1.44 13.79
C LEU C 108 -4.23 -2.51 14.23
N ASN C 109 -4.68 -3.54 14.95
CA ASN C 109 -3.82 -4.65 15.31
C ASN C 109 -3.77 -5.73 14.23
N LEU C 110 -4.66 -5.65 13.23
CA LEU C 110 -4.64 -6.61 12.13
C LEU C 110 -3.40 -6.42 11.28
N ARG C 111 -2.83 -7.53 10.83
CA ARG C 111 -1.65 -7.49 9.96
C ARG C 111 -2.09 -7.88 8.54
N PHE C 112 -2.06 -6.91 7.62
CA PHE C 112 -2.35 -7.15 6.21
C PHE C 112 -1.05 -7.17 5.42
N GLN C 113 -1.02 -7.90 4.30
CA GLN C 113 0.17 -7.99 3.47
C GLN C 113 0.49 -6.65 2.82
N LYS C 114 1.76 -6.25 2.87
CA LYS C 114 2.18 -4.98 2.28
C LYS C 114 1.86 -4.98 0.78
N GLY C 115 1.31 -3.86 0.31
CA GLY C 115 0.91 -3.71 -1.07
C GLY C 115 -0.52 -4.14 -1.35
N SER C 116 -1.14 -4.88 -0.43
CA SER C 116 -2.51 -5.34 -0.60
C SER C 116 -3.51 -4.18 -0.40
N VAL C 117 -4.71 -4.37 -0.97
CA VAL C 117 -5.78 -3.39 -0.80
C VAL C 117 -6.14 -3.22 0.67
N ASP C 118 -6.19 -4.32 1.42
CA ASP C 118 -6.46 -4.21 2.84
C ASP C 118 -5.41 -3.35 3.52
N HIS C 119 -4.15 -3.52 3.12
CA HIS C 119 -3.06 -2.76 3.74
C HIS C 119 -3.18 -1.28 3.43
N GLU C 120 -3.42 -0.94 2.16
CA GLU C 120 -3.57 0.46 1.77
C GLU C 120 -4.66 1.16 2.59
N LEU C 121 -5.83 0.50 2.73
CA LEU C 121 -6.92 1.11 3.46
C LEU C 121 -6.54 1.40 4.90
N GLN C 122 -5.99 0.41 5.60
CA GLN C 122 -5.54 0.57 6.99
C GLN C 122 -4.58 1.74 7.09
N GLN C 123 -3.70 1.89 6.12
CA GLN C 123 -2.71 2.95 6.18
C GLN C 123 -3.39 4.28 5.98
N ILE C 124 -4.33 4.34 5.05
CA ILE C 124 -5.12 5.56 4.91
C ILE C 124 -5.87 5.90 6.20
N ILE C 125 -6.38 4.86 6.86
CA ILE C 125 -7.14 5.07 8.08
C ILE C 125 -6.25 5.57 9.20
N ARG C 126 -5.01 5.05 9.28
CA ARG C 126 -4.05 5.54 10.27
C ARG C 126 -3.71 7.01 10.04
N ASP C 127 -3.45 7.40 8.78
CA ASP C 127 -3.21 8.80 8.47
C ASP C 127 -4.36 9.68 8.98
N ASN C 128 -5.59 9.24 8.79
CA ASN C 128 -6.73 9.99 9.30
C ASN C 128 -6.67 10.11 10.82
N LEU C 129 -6.35 9.01 11.50
CA LEU C 129 -6.27 9.04 12.96
C LEU C 129 -5.21 10.03 13.44
N TYR C 130 -4.06 10.08 12.76
CA TYR C 130 -2.97 10.97 13.17
C TYR C 130 -3.29 12.46 13.01
N LEU C 131 -4.30 12.81 12.20
CA LEU C 131 -4.63 14.22 11.97
C LEU C 131 -5.05 14.92 13.25
N ARG C 132 -5.75 14.22 14.16
CA ARG C 132 -6.18 14.86 15.40
C ARG C 132 -5.67 14.14 16.65
N THR C 133 -4.57 13.38 16.54
CA THR C 133 -3.98 12.77 17.72
C THR C 133 -2.49 13.09 17.79
N VAL C 134 -2.02 13.27 19.03
CA VAL C 134 -0.61 13.40 19.36
C VAL C 134 -0.16 12.09 19.99
N PRO C 135 0.91 11.47 19.53
CA PRO C 135 1.29 10.20 20.13
C PRO C 135 1.81 10.38 21.55
N CYS C 136 1.68 9.32 22.35
CA CYS C 136 2.31 9.26 23.65
C CYS C 136 3.52 8.34 23.56
N THR C 137 4.52 8.64 24.40
CA THR C 137 5.75 7.87 24.40
C THR C 137 6.35 7.90 25.79
N THR C 138 7.07 6.84 26.12
CA THR C 138 7.82 6.78 27.36
C THR C 138 9.26 7.24 27.23
N ARG C 139 9.75 7.46 26.01
CA ARG C 139 11.09 8.03 25.85
C ARG C 139 11.13 9.48 26.32
N PRO C 140 12.30 9.96 26.72
CA PRO C 140 12.41 11.34 27.21
C PRO C 140 12.34 12.36 26.08
N HIS C 141 11.92 13.57 26.45
CA HIS C 141 11.89 14.70 25.54
C HIS C 141 13.28 15.01 24.98
N LYS C 142 13.33 15.42 23.71
CA LYS C 142 14.57 15.86 23.04
C LYS C 142 14.45 17.32 22.60
N GLU C 143 15.61 17.94 22.42
CA GLU C 143 15.71 19.29 21.85
C GLU C 143 14.85 19.43 20.59
N GLY C 144 14.08 20.52 20.54
CA GLY C 144 13.21 20.82 19.41
C GLY C 144 11.78 20.33 19.54
N GLU C 145 11.48 19.49 20.51
CA GLU C 145 10.15 18.91 20.62
C GLU C 145 9.24 19.77 21.48
N VAL C 146 7.98 19.85 21.08
CA VAL C 146 6.97 20.57 21.85
C VAL C 146 6.10 19.55 22.54
N PRO C 147 6.19 19.39 23.87
CA PRO C 147 5.31 18.46 24.58
C PRO C 147 3.85 18.82 24.34
N GLY C 148 3.04 17.79 24.10
CA GLY C 148 1.64 17.97 23.78
C GLY C 148 1.37 18.24 22.32
N VAL C 149 2.42 18.33 21.50
CA VAL C 149 2.28 18.62 20.08
C VAL C 149 3.01 17.53 19.30
N ASP C 150 4.29 17.34 19.61
CA ASP C 150 5.05 16.24 19.02
C ASP C 150 4.75 14.93 19.72
N TYR C 151 4.69 14.96 21.05
CA TYR C 151 4.45 13.78 21.88
C TYR C 151 3.82 14.24 23.18
N ILE C 152 3.08 13.33 23.78
CA ILE C 152 2.76 13.36 25.20
C ILE C 152 3.84 12.51 25.86
N PHE C 153 4.68 13.14 26.69
CA PHE C 153 5.79 12.45 27.34
C PHE C 153 5.28 11.94 28.68
N ILE C 154 5.16 10.61 28.82
CA ILE C 154 4.60 10.00 30.01
C ILE C 154 5.53 8.88 30.48
N THR C 155 5.29 8.42 31.71
CA THR C 155 6.08 7.31 32.24
C THR C 155 5.58 5.98 31.71
N VAL C 156 6.39 4.95 31.90
CA VAL C 156 5.98 3.59 31.56
C VAL C 156 4.73 3.23 32.37
N GLU C 157 4.73 3.57 33.67
CA GLU C 157 3.57 3.28 34.49
C GLU C 157 2.32 3.92 33.90
N GLU C 158 2.40 5.20 33.53
CA GLU C 158 1.25 5.88 32.93
C GLU C 158 0.86 5.24 31.61
N PHE C 159 1.85 4.85 30.81
CA PHE C 159 1.56 4.20 29.53
C PHE C 159 0.78 2.90 29.72
N MET C 160 1.25 2.04 30.62
CA MET C 160 0.57 0.77 30.87
C MET C 160 -0.82 0.98 31.44
N GLU C 161 -0.97 2.04 32.24
CA GLU C 161 -2.29 2.40 32.75
C GLU C 161 -3.22 2.79 31.59
N LEU C 162 -2.71 3.56 30.62
CA LEU C 162 -3.50 3.85 29.43
C LEU C 162 -3.78 2.59 28.61
N GLU C 163 -2.83 1.66 28.55
CA GLU C 163 -3.06 0.42 27.83
C GLU C 163 -4.16 -0.41 28.46
N LYS C 164 -4.12 -0.53 29.79
CA LYS C 164 -5.06 -1.41 30.48
C LYS C 164 -6.47 -0.89 30.37
N SER C 165 -6.65 0.42 30.34
CA SER C 165 -7.98 1.00 30.29
C SER C 165 -8.52 1.11 28.87
N GLY C 166 -7.80 0.60 27.88
CA GLY C 166 -8.25 0.68 26.50
C GLY C 166 -8.21 2.06 25.88
N ALA C 167 -7.50 3.00 26.51
CA ALA C 167 -7.43 4.36 26.01
C ALA C 167 -6.52 4.51 24.78
N LEU C 168 -5.70 3.52 24.45
CA LEU C 168 -4.78 3.60 23.31
C LEU C 168 -5.34 2.78 22.15
N LEU C 169 -5.34 3.36 20.95
CA LEU C 169 -5.82 2.65 19.76
C LEU C 169 -4.70 1.86 19.08
N GLU C 170 -3.45 2.26 19.27
CA GLU C 170 -2.26 1.66 18.66
C GLU C 170 -1.12 1.72 19.64
N SER C 171 -0.22 0.73 19.60
CA SER C 171 1.02 0.88 20.36
C SER C 171 2.11 0.01 19.78
N GLY C 172 3.35 0.37 20.11
CA GLY C 172 4.51 -0.37 19.65
C GLY C 172 5.73 -0.02 20.47
N THR C 173 6.83 -0.69 20.16
CA THR C 173 8.08 -0.43 20.85
C THR C 173 9.22 -0.25 19.88
N TYR C 174 10.22 0.48 20.32
CA TYR C 174 11.35 0.79 19.46
C TYR C 174 12.48 1.33 20.32
N GLU C 175 13.64 0.67 20.28
CA GLU C 175 14.81 1.10 21.02
C GLU C 175 14.46 1.43 22.48
N ASP C 176 13.95 0.41 23.18
CA ASP C 176 13.76 0.38 24.63
C ASP C 176 12.62 1.26 25.15
N ASN C 177 11.75 1.78 24.28
CA ASN C 177 10.65 2.63 24.74
C ASN C 177 9.34 2.23 24.08
N TYR C 178 8.24 2.65 24.73
CA TYR C 178 6.87 2.43 24.27
C TYR C 178 6.33 3.67 23.54
N TYR C 179 5.58 3.42 22.46
CA TYR C 179 4.96 4.45 21.63
C TYR C 179 3.50 4.09 21.43
N GLY C 180 2.61 5.10 21.36
CA GLY C 180 1.20 4.81 21.19
C GLY C 180 0.37 6.01 20.77
N THR C 181 -0.88 5.72 20.41
CA THR C 181 -1.82 6.75 19.95
C THR C 181 -3.10 6.62 20.75
N PRO C 182 -3.48 7.61 21.54
CA PRO C 182 -4.76 7.55 22.26
C PRO C 182 -5.92 7.97 21.36
N LYS C 183 -7.11 7.72 21.87
CA LYS C 183 -8.31 8.20 21.23
C LYS C 183 -8.26 9.73 21.13
N PRO C 184 -8.70 10.32 20.03
CA PRO C 184 -8.86 11.78 20.01
C PRO C 184 -10.00 12.23 20.89
N PRO C 185 -9.98 13.47 21.36
CA PRO C 185 -11.12 13.99 22.12
C PRO C 185 -12.31 14.21 21.20
N ALA C 186 -13.51 14.08 21.76
CA ALA C 186 -14.73 14.17 20.97
C ALA C 186 -14.88 15.55 20.31
N GLU C 187 -14.81 16.61 21.12
CA GLU C 187 -14.92 17.95 20.59
C GLU C 187 -13.57 18.65 20.65
N PRO C 188 -13.04 19.14 19.53
CA PRO C 188 -11.79 19.90 19.56
C PRO C 188 -12.03 21.31 20.09
N ALA C 189 -10.94 21.95 20.49
CA ALA C 189 -11.02 23.34 20.92
C ALA C 189 -11.44 24.21 19.72
N PRO C 190 -12.43 25.10 19.90
CA PRO C 190 -12.85 25.96 18.78
C PRO C 190 -11.67 26.72 18.18
N LEU C 191 -11.64 26.78 16.85
CA LEU C 191 -10.53 27.42 16.17
C LEU C 191 -10.74 28.92 15.97
N LEU C 192 -11.98 29.38 15.95
CA LEU C 192 -12.27 30.81 15.82
C LEU C 192 -13.01 31.37 17.03
N GLY D 1 -0.52 14.98 14.72
CA GLY D 1 0.27 15.47 13.60
C GLY D 1 0.98 14.30 12.94
N LEU D 2 1.83 14.57 11.94
CA LEU D 2 2.51 13.49 11.24
C LEU D 2 3.47 12.75 12.18
N ARG D 3 3.47 11.43 12.10
CA ARG D 3 4.27 10.61 13.00
C ARG D 3 5.72 10.54 12.54
N SER D 4 6.61 10.41 13.51
CA SER D 4 8.03 10.36 13.19
C SER D 4 8.39 9.00 12.65
N THR D 5 9.62 8.92 12.16
CA THR D 5 10.16 7.67 11.66
C THR D 5 10.24 6.61 12.79
N SEP D 6 10.60 7.06 13.99
CA SEP D 6 10.71 6.13 15.12
CB SEP D 6 11.34 6.82 16.33
OG SEP D 6 10.55 7.93 16.72
C SEP D 6 9.33 5.57 15.47
O SEP D 6 9.20 4.37 15.71
P SEP D 6 11.29 9.05 17.57
O1P SEP D 6 11.72 8.50 19.03
O2P SEP D 6 10.22 10.23 17.72
O3P SEP D 6 12.58 9.64 16.78
N TYR D 7 8.30 6.43 15.48
CA TYR D 7 6.94 5.98 15.75
C TYR D 7 6.51 4.92 14.73
N ARG D 8 6.71 5.24 13.45
CA ARG D 8 6.31 4.32 12.39
C ARG D 8 7.00 2.97 12.53
N ARG D 9 8.28 2.96 12.90
CA ARG D 9 8.98 1.69 13.11
C ARG D 9 8.38 0.93 14.29
N ALA D 10 7.95 1.66 15.33
CA ALA D 10 7.44 1.00 16.53
C ALA D 10 6.11 0.29 16.26
N VAL D 11 5.25 0.88 15.44
CA VAL D 11 3.89 0.33 15.26
C VAL D 11 3.74 -0.40 13.93
N VAL D 12 4.82 -0.93 13.40
CA VAL D 12 4.75 -1.66 12.14
C VAL D 12 4.30 -3.08 12.41
#